data_7NUG
#
_entry.id   7NUG
#
_cell.length_a   74.361
_cell.length_b   74.361
_cell.length_c   126.462
_cell.angle_alpha   90.000
_cell.angle_beta   90.000
_cell.angle_gamma   120.000
#
_symmetry.space_group_name_H-M   'P 64 2 2'
#
loop_
_entity.id
_entity.type
_entity.pdbx_description
1 polymer 'Polymerase acidic protein,Polymerase acidic protein'
2 non-polymer 'MANGANESE (II) ION'
3 non-polymer 'MAGNESIUM ION'
4 non-polymer DI(HYDROXYETHYL)ETHER
5 non-polymer 'TETRAETHYLENE GLYCOL'
6 non-polymer 1,2-ETHANEDIOL
7 non-polymer 2-(2-{2-[2-(2-METHOXY-ETHOXY)-ETHOXY]-ETHOXY}-ETHOXY)-ETHANOL
8 non-polymer Orientin
9 water water
#
_entity_poly.entity_id   1
_entity_poly.type   'polypeptide(L)'
_entity_poly.pdbx_seq_one_letter_code
;SGSMEDFVRQCFNPMIVELAEKAMKEYGEDPKIETNKFAAICTHLEVCFMYSDGGSKHRFEIIEGRDRIMAWTVVNSICN
TTGVEKPKFLPDLYDYKENRFIEIGVTRREVHIYYLEKANKIKSEKTHIHIFSFTGEEMATKADYTLDEESRARIKTRLF
TIRQEMASRSLWDSFRQSER
;
_entity_poly.pdbx_strand_id   A
#
loop_
_chem_comp.id
_chem_comp.type
_chem_comp.name
_chem_comp.formula
1PG non-polymer 2-(2-{2-[2-(2-METHOXY-ETHOXY)-ETHOXY]-ETHOXY}-ETHOXY)-ETHANOL 'C11 H24 O6'
EDO non-polymer 1,2-ETHANEDIOL 'C2 H6 O2'
MG non-polymer 'MAGNESIUM ION' 'Mg 2'
MN non-polymer 'MANGANESE (II) ION' 'Mn 2'
PEG non-polymer DI(HYDROXYETHYL)ETHER 'C4 H10 O3'
PG4 non-polymer 'TETRAETHYLENE GLYCOL' 'C8 H18 O5'
USE non-polymer Orientin 'C21 H20 O11'
#
# COMPACT_ATOMS: atom_id res chain seq x y z
N SER A 1 17.01 -6.14 13.49
CA SER A 1 17.55 -4.89 12.84
C SER A 1 16.95 -3.65 13.53
N GLY A 2 17.40 -3.35 14.76
CA GLY A 2 16.86 -2.28 15.61
C GLY A 2 17.12 -0.87 15.08
N SER A 3 18.18 -0.68 14.30
CA SER A 3 18.46 0.60 13.59
C SER A 3 17.37 0.85 12.53
N MET A 4 16.85 -0.21 11.91
CA MET A 4 15.65 -0.10 11.02
C MET A 4 14.44 0.27 11.88
N GLU A 5 14.29 -0.29 13.09
CA GLU A 5 13.16 0.11 13.97
C GLU A 5 13.25 1.63 14.19
N ASP A 6 14.44 2.14 14.54
CA ASP A 6 14.68 3.59 14.74
C ASP A 6 14.26 4.39 13.49
N PHE A 7 14.70 3.95 12.32
CA PHE A 7 14.35 4.58 11.02
C PHE A 7 12.81 4.69 10.87
N VAL A 8 12.11 3.58 11.06
CA VAL A 8 10.62 3.53 10.89
C VAL A 8 9.97 4.58 11.81
N ARG A 9 10.35 4.62 13.08
CA ARG A 9 9.73 5.54 14.07
C ARG A 9 10.06 6.99 13.73
N GLN A 10 11.19 7.25 13.06
CA GLN A 10 11.57 8.62 12.63
C GLN A 10 10.94 8.99 11.28
N CYS A 11 10.67 8.02 10.41
CA CYS A 11 10.29 8.23 8.99
C CYS A 11 8.78 8.42 8.84
N PHE A 12 7.98 7.65 9.57
CA PHE A 12 6.52 7.56 9.33
C PHE A 12 5.78 8.29 10.46
N ASN A 13 4.61 8.83 10.14
CA ASN A 13 3.77 9.52 11.16
C ASN A 13 3.36 8.48 12.23
N PRO A 14 3.23 8.92 13.50
CA PRO A 14 2.84 8.03 14.58
C PRO A 14 1.54 7.25 14.37
N MET A 15 0.59 7.78 13.60
CA MET A 15 -0.69 7.06 13.32
CA MET A 15 -0.69 7.07 13.32
C MET A 15 -0.37 5.84 12.46
N ILE A 16 0.45 6.00 11.42
CA ILE A 16 0.90 4.84 10.59
C ILE A 16 1.71 3.83 11.41
N VAL A 17 2.71 4.26 12.18
CA VAL A 17 3.56 3.33 12.95
C VAL A 17 2.67 2.50 13.91
N GLU A 18 1.67 3.12 14.54
CA GLU A 18 0.80 2.45 15.54
C GLU A 18 -0.07 1.42 14.83
N LEU A 19 -0.63 1.76 13.67
CA LEU A 19 -1.48 0.81 12.91
CA LEU A 19 -1.46 0.83 12.85
C LEU A 19 -0.63 -0.40 12.47
N ALA A 20 0.60 -0.18 12.01
CA ALA A 20 1.44 -1.25 11.45
C ALA A 20 1.82 -2.19 12.60
N GLU A 21 2.10 -1.64 13.79
CA GLU A 21 2.46 -2.44 14.99
C GLU A 21 1.28 -3.34 15.34
N LYS A 22 0.08 -2.77 15.37
CA LYS A 22 -1.14 -3.53 15.67
C LYS A 22 -1.33 -4.64 14.63
N ALA A 23 -1.21 -4.32 13.34
CA ALA A 23 -1.44 -5.26 12.23
C ALA A 23 -0.48 -6.44 12.41
N MET A 24 0.80 -6.20 12.68
CA MET A 24 1.80 -7.30 12.80
C MET A 24 1.48 -8.22 14.01
N LYS A 25 1.18 -7.62 15.15
CA LYS A 25 0.88 -8.38 16.40
C LYS A 25 -0.39 -9.22 16.20
N GLU A 26 -1.36 -8.75 15.41
CA GLU A 26 -2.53 -9.58 15.02
C GLU A 26 -2.14 -10.86 14.29
N TYR A 27 -0.94 -10.95 13.71
CA TYR A 27 -0.45 -12.17 13.03
C TYR A 27 0.68 -12.81 13.82
N GLY A 28 0.87 -12.37 15.05
CA GLY A 28 1.87 -12.93 15.96
C GLY A 28 3.27 -12.55 15.54
N GLU A 29 3.44 -11.43 14.83
CA GLU A 29 4.78 -10.97 14.39
C GLU A 29 5.21 -9.81 15.27
N ASP A 30 6.50 -9.73 15.61
CA ASP A 30 7.06 -8.70 16.51
C ASP A 30 7.70 -7.61 15.66
N PRO A 31 7.14 -6.39 15.64
CA PRO A 31 7.73 -5.29 14.88
C PRO A 31 9.21 -5.08 15.26
N LYS A 32 9.58 -5.33 16.51
CA LYS A 32 10.95 -5.13 17.04
C LYS A 32 11.91 -6.18 16.46
N ILE A 33 11.41 -7.26 15.86
CA ILE A 33 12.28 -8.35 15.32
C ILE A 33 12.19 -8.37 13.79
N GLU A 34 10.99 -8.33 13.22
CA GLU A 34 10.82 -8.29 11.74
C GLU A 34 10.74 -6.81 11.34
N THR A 35 11.85 -6.10 11.51
CA THR A 35 11.92 -4.62 11.36
C THR A 35 11.79 -4.28 9.89
N ASN A 36 12.23 -5.16 9.00
CA ASN A 36 12.14 -4.88 7.55
C ASN A 36 10.67 -4.97 7.15
N LYS A 37 9.96 -5.96 7.66
CA LYS A 37 8.51 -6.11 7.40
C LYS A 37 7.72 -4.93 7.98
N PHE A 38 8.07 -4.45 9.17
CA PHE A 38 7.47 -3.26 9.83
C PHE A 38 7.60 -2.04 8.90
N ALA A 39 8.82 -1.75 8.43
CA ALA A 39 9.08 -0.68 7.42
C ALA A 39 8.21 -0.87 6.17
N ALA A 40 8.12 -2.08 5.63
CA ALA A 40 7.33 -2.38 4.41
C ALA A 40 5.83 -2.13 4.66
N ILE A 41 5.33 -2.49 5.84
CA ILE A 41 3.88 -2.29 6.14
C ILE A 41 3.58 -0.81 6.30
N CYS A 42 4.45 -0.06 6.95
CA CYS A 42 4.30 1.42 7.08
C CYS A 42 4.28 2.07 5.70
N THR A 43 5.18 1.65 4.82
CA THR A 43 5.31 2.23 3.45
C THR A 43 4.02 2.00 2.67
N HIS A 44 3.51 0.78 2.63
CA HIS A 44 2.26 0.44 1.91
C HIS A 44 1.10 1.26 2.46
N LEU A 45 0.98 1.34 3.77
CA LEU A 45 -0.11 2.14 4.38
CA LEU A 45 -0.06 2.17 4.45
C LEU A 45 0.05 3.63 4.00
N GLU A 46 1.25 4.18 4.05
CA GLU A 46 1.45 5.60 3.65
C GLU A 46 1.07 5.81 2.19
N VAL A 47 1.50 4.91 1.30
CA VAL A 47 1.13 4.96 -0.14
C VAL A 47 -0.40 4.91 -0.27
N CYS A 48 -1.08 4.00 0.44
CA CYS A 48 -2.57 3.93 0.33
C CYS A 48 -3.20 5.29 0.67
N PHE A 49 -2.72 5.93 1.73
CA PHE A 49 -3.25 7.25 2.18
CA PHE A 49 -3.25 7.25 2.20
C PHE A 49 -2.93 8.34 1.16
N MET A 50 -1.69 8.37 0.65
CA MET A 50 -1.30 9.33 -0.42
C MET A 50 -2.16 9.16 -1.66
N TYR A 51 -2.48 7.92 -2.03
CA TYR A 51 -3.26 7.61 -3.26
C TYR A 51 -4.68 8.15 -3.08
N SER A 52 -5.30 7.93 -1.91
CA SER A 52 -6.67 8.37 -1.55
C SER A 52 -6.79 9.90 -1.55
N ASP A 53 -5.69 10.65 -1.36
CA ASP A 53 -5.65 12.14 -1.45
C ASP A 53 -5.27 12.60 -2.86
N GLY A 54 -5.20 11.69 -3.82
CA GLY A 54 -4.48 11.92 -5.08
C GLY A 54 -5.33 12.59 -6.16
N GLY A 55 -6.67 12.51 -6.03
CA GLY A 55 -7.63 13.08 -7.03
C GLY A 55 -8.59 14.06 -6.39
N SER A 56 -9.84 14.12 -6.86
CA SER A 56 -10.89 15.04 -6.33
C SER A 56 -11.22 14.66 -4.89
N LYS A 57 -11.74 15.62 -4.10
CA LYS A 57 -12.30 15.38 -2.75
C LYS A 57 -13.26 14.17 -2.82
N HIS A 58 -13.13 13.22 -1.90
CA HIS A 58 -14.05 12.05 -1.78
C HIS A 58 -14.05 11.17 -3.04
N ARG A 59 -13.05 11.26 -3.93
CA ARG A 59 -12.99 10.31 -5.07
C ARG A 59 -12.87 8.86 -4.55
N PHE A 60 -12.10 8.64 -3.47
CA PHE A 60 -11.68 7.31 -2.99
C PHE A 60 -12.24 7.05 -1.60
N GLU A 61 -12.67 5.82 -1.33
CA GLU A 61 -12.87 5.35 0.07
CA GLU A 61 -12.87 5.35 0.07
C GLU A 61 -11.65 4.50 0.43
N ILE A 62 -11.04 4.74 1.60
CA ILE A 62 -9.91 3.92 2.09
C ILE A 62 -10.48 2.65 2.75
N ILE A 63 -9.92 1.48 2.41
CA ILE A 63 -10.30 0.19 3.01
C ILE A 63 -9.14 -0.31 3.85
N GLU A 64 -7.91 -0.26 3.30
CA GLU A 64 -6.66 -0.58 4.05
C GLU A 64 -6.55 0.28 5.30
N GLY A 65 -6.05 -0.29 6.38
CA GLY A 65 -5.91 0.40 7.67
C GLY A 65 -7.14 0.29 8.57
N ARG A 66 -8.33 0.07 8.02
CA ARG A 66 -9.57 0.00 8.83
C ARG A 66 -9.66 -1.34 9.55
N ASP A 67 -10.25 -1.34 10.74
CA ASP A 67 -10.49 -2.62 11.45
C ASP A 67 -11.44 -3.44 10.57
N ARG A 68 -11.47 -4.74 10.77
CA ARG A 68 -12.05 -5.67 9.77
C ARG A 68 -13.55 -5.40 9.64
N ILE A 69 -14.24 -5.17 10.75
CA ILE A 69 -15.71 -4.95 10.71
C ILE A 69 -15.97 -3.69 9.87
N MET A 70 -15.27 -2.58 10.12
CA MET A 70 -15.50 -1.32 9.36
C MET A 70 -15.10 -1.51 7.89
N ALA A 71 -13.98 -2.21 7.62
CA ALA A 71 -13.52 -2.46 6.24
C ALA A 71 -14.63 -3.18 5.47
N TRP A 72 -15.18 -4.26 6.02
CA TRP A 72 -16.25 -5.02 5.31
C TRP A 72 -17.56 -4.24 5.28
N THR A 73 -17.79 -3.35 6.25
CA THR A 73 -18.96 -2.42 6.22
C THR A 73 -18.89 -1.53 4.97
N VAL A 74 -17.70 -0.97 4.71
CA VAL A 74 -17.41 -0.12 3.53
C VAL A 74 -17.64 -0.94 2.26
N VAL A 75 -17.04 -2.14 2.16
CA VAL A 75 -17.08 -3.00 0.94
C VAL A 75 -18.50 -3.52 0.66
N ASN A 76 -19.17 -4.12 1.66
CA ASN A 76 -20.53 -4.69 1.46
C ASN A 76 -21.51 -3.57 1.11
N SER A 77 -21.37 -2.43 1.76
CA SER A 77 -22.17 -1.20 1.51
C SER A 77 -21.98 -0.83 0.04
N ILE A 78 -20.73 -0.71 -0.41
CA ILE A 78 -20.40 -0.23 -1.78
C ILE A 78 -21.04 -1.21 -2.77
N CYS A 79 -20.97 -2.52 -2.49
CA CYS A 79 -21.49 -3.62 -3.34
C CYS A 79 -23.02 -3.74 -3.31
N ASN A 80 -23.71 -3.01 -2.42
CA ASN A 80 -25.20 -2.89 -2.42
C ASN A 80 -25.60 -1.62 -3.18
N THR A 81 -24.89 -0.52 -2.98
CA THR A 81 -25.18 0.82 -3.56
C THR A 81 -24.79 0.87 -5.05
N THR A 82 -23.60 0.43 -5.45
CA THR A 82 -23.12 0.51 -6.86
C THR A 82 -23.31 -0.83 -7.60
N GLY A 83 -23.73 -1.89 -6.92
CA GLY A 83 -24.00 -3.20 -7.54
C GLY A 83 -22.75 -3.96 -7.95
N VAL A 84 -21.54 -3.38 -7.80
CA VAL A 84 -20.23 -4.00 -8.20
C VAL A 84 -20.02 -5.26 -7.35
N GLU A 85 -19.52 -6.36 -7.95
CA GLU A 85 -19.41 -7.71 -7.32
C GLU A 85 -18.56 -7.65 -6.05
N LYS A 86 -18.71 -8.64 -5.15
CA LYS A 86 -18.12 -8.62 -3.79
C LYS A 86 -16.77 -9.32 -3.78
N PRO A 87 -15.67 -8.59 -3.51
CA PRO A 87 -14.35 -9.20 -3.49
C PRO A 87 -14.20 -10.26 -2.39
N LYS A 88 -13.43 -11.30 -2.66
CA LYS A 88 -13.19 -12.41 -1.72
C LYS A 88 -12.25 -11.95 -0.60
N PHE A 89 -11.41 -10.94 -0.89
CA PHE A 89 -10.36 -10.39 0.02
C PHE A 89 -10.55 -8.89 0.12
N LEU A 90 -10.17 -8.25 1.23
CA LEU A 90 -10.38 -6.78 1.33
C LEU A 90 -9.39 -6.14 0.36
N PRO A 91 -9.84 -5.26 -0.55
CA PRO A 91 -8.94 -4.45 -1.37
C PRO A 91 -8.45 -3.25 -0.56
N ASP A 92 -7.67 -2.35 -1.19
CA ASP A 92 -7.04 -1.21 -0.50
C ASP A 92 -7.93 0.03 -0.54
N LEU A 93 -8.57 0.30 -1.68
CA LEU A 93 -9.40 1.50 -1.93
C LEU A 93 -10.63 1.12 -2.76
N TYR A 94 -11.60 2.02 -2.78
CA TYR A 94 -12.67 2.05 -3.82
C TYR A 94 -12.63 3.41 -4.50
N ASP A 95 -12.68 3.41 -5.82
CA ASP A 95 -12.65 4.61 -6.67
C ASP A 95 -14.11 4.88 -7.11
N TYR A 96 -14.74 5.89 -6.52
CA TYR A 96 -16.14 6.32 -6.84
C TYR A 96 -16.27 6.81 -8.28
N LYS A 97 -15.19 7.37 -8.86
CA LYS A 97 -15.20 7.91 -10.24
C LYS A 97 -15.25 6.77 -11.25
N GLU A 98 -14.44 5.72 -11.08
CA GLU A 98 -14.37 4.59 -12.04
C GLU A 98 -15.25 3.43 -11.57
N ASN A 99 -15.85 3.50 -10.38
CA ASN A 99 -16.66 2.41 -9.78
C ASN A 99 -15.87 1.10 -9.80
N ARG A 100 -14.70 1.09 -9.18
CA ARG A 100 -13.93 -0.15 -9.01
C ARG A 100 -13.15 -0.09 -7.71
N PHE A 101 -12.93 -1.25 -7.13
CA PHE A 101 -11.94 -1.47 -6.05
C PHE A 101 -10.55 -1.40 -6.69
N ILE A 102 -9.60 -0.91 -5.93
CA ILE A 102 -8.16 -0.89 -6.30
C ILE A 102 -7.40 -1.71 -5.28
N GLU A 103 -6.46 -2.51 -5.77
CA GLU A 103 -5.39 -3.14 -4.95
C GLU A 103 -4.08 -2.41 -5.21
N ILE A 104 -3.45 -1.90 -4.15
CA ILE A 104 -2.15 -1.21 -4.21
C ILE A 104 -1.03 -2.17 -3.84
N GLY A 105 0.01 -2.22 -4.68
CA GLY A 105 1.23 -2.99 -4.44
C GLY A 105 2.42 -2.06 -4.25
N VAL A 106 3.24 -2.28 -3.25
CA VAL A 106 4.57 -1.62 -3.15
C VAL A 106 5.60 -2.72 -3.02
N THR A 107 6.59 -2.74 -3.92
CA THR A 107 7.52 -3.88 -4.07
C THR A 107 8.96 -3.38 -4.09
N ARG A 108 9.84 -4.09 -3.39
CA ARG A 108 11.30 -3.99 -3.54
C ARG A 108 11.77 -4.90 -4.68
N ARG A 109 10.87 -5.69 -5.28
CA ARG A 109 11.24 -6.57 -6.42
C ARG A 109 10.88 -5.86 -7.73
N GLU A 110 10.73 -6.60 -8.83
CA GLU A 110 10.33 -6.03 -10.14
C GLU A 110 8.80 -5.95 -10.17
N VAL A 111 8.27 -4.87 -10.76
CA VAL A 111 6.80 -4.56 -10.78
C VAL A 111 6.04 -5.67 -11.52
N HIS A 112 6.58 -6.21 -12.61
CA HIS A 112 5.88 -7.22 -13.44
C HIS A 112 5.64 -8.48 -12.63
N ILE A 113 6.64 -8.91 -11.84
CA ILE A 113 6.57 -10.13 -10.99
C ILE A 113 5.47 -9.91 -9.96
N TYR A 114 5.50 -8.76 -9.28
CA TYR A 114 4.55 -8.42 -8.20
C TYR A 114 3.15 -8.24 -8.80
N TYR A 115 3.02 -7.63 -9.97
CA TYR A 115 1.70 -7.47 -10.66
C TYR A 115 1.06 -8.84 -10.83
N LEU A 116 1.80 -9.82 -11.37
CA LEU A 116 1.25 -11.16 -11.68
C LEU A 116 0.84 -11.88 -10.41
N GLU A 117 1.64 -11.78 -9.35
CA GLU A 117 1.31 -12.37 -8.04
C GLU A 117 -0.02 -11.81 -7.54
N LYS A 118 -0.19 -10.48 -7.54
CA LYS A 118 -1.46 -9.80 -7.16
C LYS A 118 -2.59 -10.29 -8.05
N ALA A 119 -2.39 -10.31 -9.37
CA ALA A 119 -3.45 -10.74 -10.33
C ALA A 119 -3.89 -12.16 -9.97
N ASN A 120 -2.93 -13.02 -9.63
CA ASN A 120 -3.20 -14.47 -9.41
CA ASN A 120 -3.18 -14.47 -9.40
C ASN A 120 -3.91 -14.67 -8.07
N LYS A 121 -3.47 -13.96 -7.02
CA LYS A 121 -4.05 -14.18 -5.67
C LYS A 121 -5.44 -13.53 -5.61
N ILE A 122 -5.70 -12.53 -6.46
CA ILE A 122 -6.97 -11.74 -6.47
C ILE A 122 -8.07 -12.63 -7.05
N LYS A 123 -7.87 -13.17 -8.26
CA LYS A 123 -8.88 -13.95 -9.01
C LYS A 123 -10.23 -13.23 -8.89
N SER A 124 -10.34 -12.08 -9.56
CA SER A 124 -11.57 -11.22 -9.63
C SER A 124 -11.33 -10.13 -10.66
N GLU A 125 -12.00 -10.24 -11.82
CA GLU A 125 -11.74 -9.43 -13.04
C GLU A 125 -11.85 -7.93 -12.72
N LYS A 126 -12.71 -7.56 -11.77
CA LYS A 126 -13.14 -6.15 -11.54
C LYS A 126 -12.03 -5.33 -10.86
N THR A 127 -11.23 -5.91 -9.96
CA THR A 127 -10.32 -5.16 -9.04
C THR A 127 -9.12 -4.60 -9.84
N HIS A 128 -8.92 -3.29 -9.83
CA HIS A 128 -7.81 -2.60 -10.53
C HIS A 128 -6.55 -2.77 -9.68
N ILE A 129 -5.44 -3.19 -10.29
CA ILE A 129 -4.12 -3.33 -9.61
C ILE A 129 -3.23 -2.15 -10.03
N HIS A 130 -2.64 -1.48 -9.06
CA HIS A 130 -1.61 -0.45 -9.27
C HIS A 130 -0.39 -0.79 -8.41
N ILE A 131 0.76 -0.97 -9.05
CA ILE A 131 2.03 -1.37 -8.36
C ILE A 131 2.99 -0.18 -8.41
N PHE A 132 3.65 0.12 -7.28
CA PHE A 132 4.78 1.06 -7.17
C PHE A 132 6.02 0.29 -6.70
N SER A 133 7.18 0.80 -7.06
CA SER A 133 8.54 0.36 -6.61
C SER A 133 9.25 1.53 -5.94
N PHE A 134 10.42 1.28 -5.38
CA PHE A 134 11.29 2.28 -4.72
C PHE A 134 12.23 2.91 -5.76
N THR A 135 12.14 2.47 -7.02
CA THR A 135 13.07 2.89 -8.11
C THR A 135 12.40 3.82 -9.13
N GLY A 136 11.11 4.13 -8.98
CA GLY A 136 10.40 5.07 -9.86
C GLY A 136 9.45 4.38 -10.80
N GLU A 137 9.55 3.06 -10.91
CA GLU A 137 8.71 2.23 -11.80
C GLU A 137 7.32 2.10 -11.16
N GLU A 138 6.28 2.23 -11.96
CA GLU A 138 4.89 1.90 -11.57
C GLU A 138 4.24 1.12 -12.71
N MET A 139 3.23 0.33 -12.40
CA MET A 139 2.46 -0.34 -13.47
C MET A 139 1.04 -0.63 -12.98
N ALA A 140 0.06 -0.46 -13.85
CA ALA A 140 -1.36 -0.55 -13.47
C ALA A 140 -2.11 -1.39 -14.50
N THR A 141 -3.27 -1.91 -14.12
CA THR A 141 -4.13 -2.68 -15.03
C THR A 141 -4.44 -1.84 -16.27
N LYS A 142 -4.25 -2.42 -17.48
CA LYS A 142 -4.62 -1.84 -18.80
C LYS A 142 -3.88 -0.51 -18.96
N ALA A 143 -2.73 -0.37 -18.28
CA ALA A 143 -1.92 0.87 -18.25
C ALA A 143 -2.82 2.06 -17.93
N ASP A 144 -3.88 1.81 -17.15
CA ASP A 144 -4.77 2.87 -16.64
C ASP A 144 -4.32 3.23 -15.22
N TYR A 145 -3.69 4.39 -15.04
CA TYR A 145 -2.92 4.77 -13.84
C TYR A 145 -3.81 5.53 -12.85
N THR A 146 -5.08 5.77 -13.20
CA THR A 146 -6.15 6.31 -12.31
C THR A 146 -5.91 7.78 -11.98
N LEU A 147 -4.78 8.10 -11.35
CA LEU A 147 -4.43 9.46 -10.89
C LEU A 147 -3.75 10.21 -12.03
N ASP A 148 -3.61 11.54 -11.89
CA ASP A 148 -2.78 12.37 -12.79
C ASP A 148 -1.30 12.17 -12.45
N GLU A 149 -0.40 12.53 -13.37
CA GLU A 149 1.06 12.23 -13.29
C GLU A 149 1.64 12.92 -12.06
N GLU A 150 1.13 14.11 -11.72
CA GLU A 150 1.64 14.94 -10.60
C GLU A 150 1.45 14.21 -9.25
N SER A 151 0.29 13.60 -9.02
CA SER A 151 -0.06 12.85 -7.79
C SER A 151 0.76 11.55 -7.74
N ARG A 152 0.84 10.81 -8.85
CA ARG A 152 1.74 9.62 -8.99
C ARG A 152 3.20 10.03 -8.73
N ALA A 153 3.63 11.20 -9.19
CA ALA A 153 5.02 11.65 -9.04
C ALA A 153 5.29 11.89 -7.53
N ARG A 154 4.34 12.45 -6.80
CA ARG A 154 4.49 12.68 -5.34
CA ARG A 154 4.53 12.68 -5.34
C ARG A 154 4.75 11.33 -4.65
N ILE A 155 3.98 10.31 -5.02
CA ILE A 155 4.13 8.93 -4.44
C ILE A 155 5.51 8.39 -4.84
N LYS A 156 5.85 8.43 -6.12
CA LYS A 156 7.11 7.81 -6.64
C LYS A 156 8.32 8.51 -6.01
N THR A 157 8.28 9.84 -5.83
CA THR A 157 9.37 10.64 -5.23
C THR A 157 9.46 10.32 -3.72
N ARG A 158 8.30 10.12 -3.07
CA ARG A 158 8.28 9.77 -1.62
C ARG A 158 8.98 8.41 -1.42
N LEU A 159 8.69 7.40 -2.23
CA LEU A 159 9.31 6.04 -2.14
C LEU A 159 10.83 6.13 -2.43
N PHE A 160 11.23 6.93 -3.41
CA PHE A 160 12.66 7.18 -3.69
C PHE A 160 13.35 7.78 -2.47
N THR A 161 12.76 8.81 -1.86
CA THR A 161 13.31 9.49 -0.66
CA THR A 161 13.34 9.49 -0.66
C THR A 161 13.54 8.45 0.43
N ILE A 162 12.56 7.57 0.63
CA ILE A 162 12.66 6.52 1.69
C ILE A 162 13.86 5.62 1.36
N ARG A 163 13.93 5.12 0.11
CA ARG A 163 15.06 4.27 -0.34
C ARG A 163 16.40 4.99 -0.10
N GLN A 164 16.46 6.29 -0.40
CA GLN A 164 17.72 7.07 -0.29
C GLN A 164 18.14 7.19 1.16
N GLU A 165 17.21 7.49 2.07
CA GLU A 165 17.52 7.65 3.51
C GLU A 165 17.92 6.27 4.09
N MET A 166 17.24 5.20 3.70
CA MET A 166 17.62 3.83 4.11
C MET A 166 19.07 3.59 3.66
N ALA A 167 19.38 3.92 2.41
CA ALA A 167 20.73 3.66 1.84
C ALA A 167 21.77 4.43 2.65
N SER A 168 21.50 5.68 3.02
CA SER A 168 22.44 6.54 3.81
C SER A 168 22.69 5.89 5.18
N ARG A 169 21.76 5.08 5.69
CA ARG A 169 21.91 4.45 7.03
C ARG A 169 22.37 2.99 6.88
N SER A 170 22.72 2.56 5.67
CA SER A 170 23.12 1.18 5.31
C SER A 170 22.03 0.18 5.70
N LEU A 171 20.75 0.55 5.54
CA LEU A 171 19.58 -0.32 5.83
C LEU A 171 18.98 -0.86 4.53
N TRP A 172 19.32 -0.28 3.38
CA TRP A 172 18.60 -0.52 2.10
C TRP A 172 18.85 -1.95 1.59
N ASP A 173 20.11 -2.41 1.63
CA ASP A 173 20.48 -3.75 1.08
C ASP A 173 19.65 -4.84 1.75
N SER A 174 19.59 -4.87 3.07
CA SER A 174 18.79 -5.85 3.87
C SER A 174 17.31 -5.70 3.52
N PHE A 175 16.79 -4.46 3.55
CA PHE A 175 15.37 -4.17 3.24
C PHE A 175 15.00 -4.67 1.85
N ARG A 176 15.81 -4.41 0.83
CA ARG A 176 15.49 -4.79 -0.56
C ARG A 176 15.39 -6.32 -0.65
N GLN A 177 16.26 -7.02 0.07
CA GLN A 177 16.45 -8.50 -0.05
C GLN A 177 15.54 -9.22 0.93
N SER A 178 14.75 -8.50 1.75
CA SER A 178 13.83 -9.01 2.78
C SER A 178 12.52 -9.53 2.19
N GLU A 179 12.07 -9.03 1.03
CA GLU A 179 10.71 -9.30 0.50
CA GLU A 179 10.70 -9.30 0.49
C GLU A 179 10.59 -10.77 0.08
N ARG A 180 9.39 -11.34 0.18
CA ARG A 180 9.16 -12.74 -0.31
C ARG A 180 7.84 -12.79 -1.08
MN MN B . -2.18 -3.68 -1.10
MN MN C . -4.75 -4.41 1.54
MG MG D . -4.37 -4.32 1.91
C2 PEG E . 12.68 9.67 4.65
C2 PEG E . 13.92 9.34 9.28
O2 PEG E . 12.27 10.29 5.87
O2 PEG E . 13.26 10.15 8.32
C3 PEG E . 13.15 11.31 6.31
C3 PEG E . 13.19 11.52 8.70
C4 PEG E . 13.75 10.91 7.62
C4 PEG E . 13.64 12.40 7.56
O4 PEG E . 14.71 9.87 7.47
O4 PEG E . 14.83 11.90 6.97
C1 PEG F . -7.21 -2.63 12.67
C2 PEG F . -6.01 -3.25 12.03
O2 PEG F . -6.44 -4.00 10.90
C3 PEG F . -5.35 -4.49 10.13
C4 PEG F . -5.89 -5.39 9.08
O4 PEG F . -7.30 -5.28 8.99
O2 PG4 G . -1.55 -9.28 1.29
C3 PG4 G . -1.25 -9.83 2.58
C4 PG4 G . -2.48 -10.39 3.21
O3 PG4 G . -2.63 -9.89 4.53
C5 PG4 G . -1.47 -10.08 5.35
C6 PG4 G . -1.38 -11.51 5.77
O4 PG4 G . -0.05 -11.79 6.20
C7 PG4 G . 0.03 -12.93 7.05
C8 PG4 G . -0.37 -14.16 6.30
O5 PG4 G . -1.33 -14.94 7.00
C1 EDO H . 7.58 11.37 12.07
C1 EDO H . 6.97 12.41 11.10
O1 EDO H . 8.21 10.72 10.97
O1 EDO H . 7.18 11.04 10.87
C2 EDO H . 6.56 12.35 11.61
C2 EDO H . 6.17 12.70 12.33
O2 EDO H . 6.27 12.28 10.22
O2 EDO H . 4.92 13.31 12.05
C1 EDO I . -16.93 10.60 0.99
O1 EDO I . -16.12 11.39 1.84
C2 EDO I . -16.15 9.55 0.28
O2 EDO I . -14.75 9.72 0.38
C1 EDO J . -17.84 10.89 -5.55
O1 EDO J . -17.73 10.59 -4.17
C2 EDO J . -16.91 11.95 -5.98
O2 EDO J . -16.33 11.64 -7.24
C1 PEG K . 0.19 -13.83 7.83
O1 PEG K . 1.14 -14.44 8.68
C2 PEG K . 0.39 -12.35 7.70
O2 PEG K . -0.82 -11.72 7.28
C3 PEG K . -0.61 -10.51 6.56
C4 PEG K . -1.29 -10.57 5.23
O4 PEG K . -0.46 -11.13 4.23
C2 1PG L . -0.78 10.19 5.81
C1 1PG L . 1.46 10.67 5.16
O1 1PG L . 0.60 10.21 6.18
O2 1PG L . -1.45 9.27 7.94
C3 1PG L . -1.69 10.33 7.02
C4 1PG L . -2.49 9.10 8.90
C5 1PG L . -2.94 7.67 8.86
O3 1PG L . -3.64 7.30 10.05
C6 1PG L . -3.51 5.91 10.34
C7 1PG L . -4.78 5.39 10.95
O4 1PG L . -5.61 4.78 9.95
C8 1PG L . -6.82 4.26 10.51
C9 1PG L . -7.83 4.08 9.44
O5 1PG L . -8.01 5.31 8.77
C10 1PG L . -8.81 5.18 7.60
C11 1PG L . -9.32 6.52 7.18
O6 1PG L . -9.84 7.26 8.29
C4 USE M . -1.53 -5.29 1.26
C5 USE M . -1.44 -5.66 2.59
C6 USE M . -0.30 -6.31 3.09
C7 USE M . -0.14 -6.67 4.44
C8 USE M . -0.84 -6.05 5.47
C10 USE M . 0.50 -7.36 7.06
C13 USE M . 2.65 -9.07 7.53
C15 USE M . 0.84 -7.82 8.33
C17 USE M . 2.66 -9.79 4.09
C20 USE M . 4.74 -7.77 3.70
C21 USE M . 5.14 -6.32 3.28
C1 USE M . 0.75 -6.55 2.22
C2 USE M . 0.68 -6.15 0.90
C3 USE M . -0.45 -5.52 0.39
C9 USE M . -0.59 -6.48 6.79
O1 USE M . -1.26 -5.99 7.71
C11 USE M . 1.27 -7.81 6.02
O2 USE M . 0.95 -7.40 4.76
C12 USE M . 2.35 -8.70 6.22
C14 USE M . 1.89 -8.66 8.56
O3 USE M . 0.17 -7.41 9.40
O4 USE M . 3.65 -9.91 7.76
C16 USE M . 3.24 -9.07 5.17
C18 USE M . 3.77 -9.98 3.02
C19 USE M . 4.21 -8.60 2.52
O5 USE M . 3.73 -7.73 4.71
O6 USE M . 3.98 -5.46 3.03
O7 USE M . 5.21 -8.71 1.60
O8 USE M . 3.15 -10.75 1.97
O9 USE M . 2.19 -11.04 4.61
O10 USE M . -2.61 -4.70 0.76
O11 USE M . -0.50 -5.11 -0.91
#